data_1NN6
#
_entry.id   1NN6
#
_cell.length_a   50.688
_cell.length_b   55.639
_cell.length_c   88.686
_cell.angle_alpha   90.00
_cell.angle_beta   90.00
_cell.angle_gamma   90.00
#
_symmetry.space_group_name_H-M   'P 21 21 21'
#
loop_
_entity.id
_entity.type
_entity.pdbx_description
1 polymer Chymase
2 branched 2-acetamido-2-deoxy-beta-D-glucopyranose-(1-4)-2-acetamido-2-deoxy-beta-D-glucopyranose
3 non-polymer 2-acetamido-2-deoxy-beta-D-glucopyranose
4 water water
#
_entity_poly.entity_id   1
_entity_poly.type   'polypeptide(L)'
_entity_poly.pdbx_seq_one_letter_code
;GEIIGGTECKPHSRPYMAYLEIVTSNGPSKFCGGFLIRRNFVLTAAHCAGRSITVTLGAHNITEEEDTWQKLEVIKQFRH
PKYNTSTLHHDIMLLKLKEKASLTLAVGTLPFPSQFNFVPPGRMCRVAGWGRTGVLKPGSDTLQEVKLRLMDPQACSHFR
DFDHNLQLCVGNPRKTKSAFKGDSGGPLLCAGVAQGIVSYGRSDAKPPAVFTRISHYRPWINQILQAN
;
_entity_poly.pdbx_strand_id   A
#
# COMPACT_ATOMS: atom_id res chain seq x y z
N GLY A 5 -3.26 4.39 19.48
CA GLY A 5 -2.71 3.51 18.40
C GLY A 5 -3.78 2.64 17.76
N GLY A 6 -4.59 3.29 16.92
CA GLY A 6 -5.67 2.66 16.17
C GLY A 6 -6.72 3.75 16.11
N THR A 7 -6.59 4.63 15.12
CA THR A 7 -7.34 5.89 15.11
C THR A 7 -8.12 6.20 13.84
N GLU A 8 -9.40 6.56 14.00
CA GLU A 8 -10.25 6.88 12.87
C GLU A 8 -9.85 8.21 12.22
N CYS A 9 -9.77 8.20 10.89
CA CYS A 9 -9.43 9.41 10.15
C CYS A 9 -10.67 10.25 9.90
N LYS A 10 -10.48 11.56 9.79
CA LYS A 10 -11.56 12.44 9.39
C LYS A 10 -11.85 12.00 7.94
N PRO A 11 -13.11 11.85 7.58
CA PRO A 11 -13.45 11.44 6.21
C PRO A 11 -12.75 12.26 5.12
N HIS A 12 -12.13 11.56 4.17
CA HIS A 12 -11.54 12.16 3.00
C HIS A 12 -10.23 12.94 3.25
N SER A 13 -9.61 12.69 4.39
CA SER A 13 -8.38 13.42 4.76
C SER A 13 -7.15 12.79 4.11
N ARG A 14 -7.31 11.62 3.48
CA ARG A 14 -6.19 10.97 2.76
C ARG A 14 -6.69 10.65 1.34
N PRO A 15 -6.88 11.66 0.52
CA PRO A 15 -7.65 11.51 -0.72
C PRO A 15 -6.99 10.73 -1.86
N TYR A 16 -5.74 10.36 -1.67
CA TYR A 16 -5.02 9.51 -2.61
C TYR A 16 -5.30 8.03 -2.31
N MET A 17 -5.92 7.70 -1.18
CA MET A 17 -6.07 6.28 -0.85
C MET A 17 -7.02 5.55 -1.83
N ALA A 18 -6.61 4.35 -2.23
CA ALA A 18 -7.40 3.52 -3.13
C ALA A 18 -7.76 2.18 -2.52
N TYR A 19 -8.99 1.75 -2.71
CA TYR A 19 -9.46 0.42 -2.23
C TYR A 19 -9.59 -0.45 -3.49
N LEU A 20 -8.93 -1.62 -3.52
CA LEU A 20 -8.89 -2.46 -4.70
C LEU A 20 -9.78 -3.69 -4.52
N GLU A 21 -10.57 -3.95 -5.56
CA GLU A 21 -11.35 -5.18 -5.63
C GLU A 21 -10.76 -6.01 -6.77
N ILE A 22 -10.17 -7.15 -6.42
CA ILE A 22 -9.45 -7.98 -7.37
C ILE A 22 -10.24 -9.25 -7.74
N VAL A 23 -10.62 -9.38 -9.00
CA VAL A 23 -11.27 -10.62 -9.46
C VAL A 23 -10.20 -11.71 -9.57
N THR A 24 -10.33 -12.81 -8.84
CA THR A 24 -9.34 -13.90 -9.00
C THR A 24 -9.69 -14.82 -10.17
N SER A 25 -8.71 -15.58 -10.66
CA SER A 25 -8.89 -16.38 -11.86
C SER A 25 -10.09 -17.30 -11.74
N ASN A 26 -10.32 -17.78 -10.52
CA ASN A 26 -11.35 -18.78 -10.22
C ASN A 26 -12.74 -18.20 -9.94
N GLY A 27 -12.86 -16.86 -9.92
CA GLY A 27 -14.16 -16.25 -9.71
C GLY A 27 -14.26 -15.25 -8.58
N PRO A 28 -14.03 -15.69 -7.35
CA PRO A 28 -14.18 -14.86 -6.15
C PRO A 28 -13.35 -13.58 -6.17
N SER A 29 -13.74 -12.64 -5.33
CA SER A 29 -13.07 -11.34 -5.24
C SER A 29 -12.24 -11.29 -3.98
N LYS A 30 -11.09 -10.62 -4.06
CA LYS A 30 -10.34 -10.33 -2.85
C LYS A 30 -10.00 -8.82 -2.87
N PHE A 31 -9.44 -8.33 -1.79
CA PHE A 31 -9.27 -6.88 -1.57
C PHE A 31 -7.87 -6.45 -1.01
N CYS A 32 -7.45 -5.28 -1.43
CA CYS A 32 -6.18 -4.68 -0.99
C CYS A 32 -6.33 -3.16 -0.97
N GLY A 33 -5.29 -2.47 -0.53
CA GLY A 33 -5.23 -1.01 -0.55
C GLY A 33 -4.20 -0.63 -1.60
N GLY A 34 -3.98 0.67 -1.74
CA GLY A 34 -3.10 1.20 -2.76
C GLY A 34 -3.23 2.70 -2.73
N PHE A 35 -2.49 3.40 -3.58
CA PHE A 35 -2.55 4.85 -3.57
C PHE A 35 -2.34 5.43 -4.97
N LEU A 36 -3.08 6.52 -5.21
CA LEU A 36 -3.12 7.17 -6.52
C LEU A 36 -1.89 8.07 -6.65
N ILE A 37 -0.93 7.69 -7.49
CA ILE A 37 0.29 8.51 -7.66
C ILE A 37 0.23 9.41 -8.91
N ARG A 38 -0.66 9.08 -9.82
CA ARG A 38 -0.96 9.87 -11.02
C ARG A 38 -2.44 9.69 -11.28
N ARG A 39 -3.04 10.59 -12.07
CA ARG A 39 -4.48 10.52 -12.24
C ARG A 39 -4.91 9.15 -12.83
N ASN A 40 -4.04 8.48 -13.60
CA ASN A 40 -4.41 7.15 -14.13
C ASN A 40 -3.47 6.03 -13.68
N PHE A 41 -2.80 6.18 -12.52
CA PHE A 41 -1.95 5.11 -12.00
C PHE A 41 -2.08 4.96 -10.48
N VAL A 42 -2.30 3.71 -10.05
CA VAL A 42 -2.34 3.36 -8.64
C VAL A 42 -1.16 2.44 -8.33
N LEU A 43 -0.49 2.73 -7.22
CA LEU A 43 0.62 1.92 -6.74
C LEU A 43 0.14 1.02 -5.60
N THR A 44 0.62 -0.23 -5.58
CA THR A 44 0.17 -1.22 -4.62
C THR A 44 1.20 -2.36 -4.55
N ALA A 45 0.83 -3.46 -3.90
CA ALA A 45 1.70 -4.64 -3.78
C ALA A 45 1.46 -5.66 -4.88
N ALA A 46 2.54 -6.29 -5.35
CA ALA A 46 2.46 -7.41 -6.31
C ALA A 46 1.59 -8.56 -5.85
N HIS A 47 1.58 -8.84 -4.53
CA HIS A 47 0.78 -9.95 -4.05
C HIS A 47 -0.72 -9.72 -4.17
N CYS A 48 -1.14 -8.52 -4.55
CA CYS A 48 -2.55 -8.19 -4.80
C CYS A 48 -3.00 -8.49 -6.24
N ALA A 49 -2.14 -9.06 -7.07
CA ALA A 49 -2.49 -9.32 -8.46
C ALA A 49 -3.58 -10.40 -8.61
N GLY A 50 -4.33 -10.30 -9.70
CA GLY A 50 -5.42 -11.25 -10.03
C GLY A 50 -5.79 -11.15 -11.50
N ARG A 51 -6.98 -11.67 -11.87
CA ARG A 51 -7.41 -11.59 -13.25
C ARG A 51 -7.60 -10.16 -13.70
N SER A 52 -8.29 -9.39 -12.88
CA SER A 52 -8.60 -8.01 -13.24
C SER A 52 -8.99 -7.23 -11.97
N ILE A 53 -8.80 -5.93 -12.02
CA ILE A 53 -8.98 -5.12 -10.84
C ILE A 53 -9.79 -3.87 -11.14
N THR A 54 -10.50 -3.48 -10.10
CA THR A 54 -11.25 -2.24 -10.01
C THR A 54 -10.88 -1.47 -8.74
N VAL A 55 -10.67 -0.17 -8.88
CA VAL A 55 -10.30 0.66 -7.71
C VAL A 55 -11.44 1.57 -7.34
N THR A 56 -11.59 1.80 -6.04
CA THR A 56 -12.54 2.78 -5.54
C THR A 56 -11.70 3.85 -4.84
N LEU A 57 -11.80 5.05 -5.40
CA LEU A 57 -11.22 6.28 -4.88
C LEU A 57 -12.33 7.08 -4.18
N GLY A 58 -11.94 7.95 -3.25
CA GLY A 58 -12.90 8.83 -2.60
C GLY A 58 -13.67 8.20 -1.44
N ALA A 59 -13.25 7.05 -0.93
CA ALA A 59 -13.96 6.36 0.12
C ALA A 59 -13.50 6.65 1.54
N HIS A 60 -14.41 6.46 2.47
CA HIS A 60 -14.08 6.53 3.89
C HIS A 60 -14.63 5.26 4.51
N ASN A 61 -15.96 5.13 4.66
CA ASN A 61 -16.57 3.88 5.05
C ASN A 61 -16.74 3.07 3.78
N ILE A 62 -15.90 2.05 3.59
CA ILE A 62 -15.88 1.30 2.34
C ILE A 62 -17.10 0.41 2.09
N THR A 63 -17.90 0.17 3.13
CA THR A 63 -19.12 -0.61 2.98
C THR A 63 -20.34 0.28 2.77
N GLU A 64 -20.12 1.60 2.78
CA GLU A 64 -21.20 2.56 2.55
C GLU A 64 -20.95 3.43 1.31
N GLU A 65 -21.51 2.99 0.19
CA GLU A 65 -21.33 3.73 -1.04
C GLU A 65 -21.74 5.16 -0.80
N GLU A 66 -20.92 6.09 -1.28
CA GLU A 66 -21.34 7.48 -1.23
C GLU A 66 -20.96 8.24 -2.49
N ASP A 67 -21.47 9.45 -2.69
CA ASP A 67 -21.26 10.22 -3.90
C ASP A 67 -19.80 10.68 -4.20
N THR A 68 -18.91 10.67 -3.21
CA THR A 68 -17.51 11.02 -3.46
C THR A 68 -16.74 9.88 -4.15
N TRP A 69 -17.33 8.70 -4.16
CA TRP A 69 -16.67 7.55 -4.81
C TRP A 69 -16.42 7.77 -6.28
N GLN A 70 -15.30 7.24 -6.77
CA GLN A 70 -15.03 7.14 -8.18
C GLN A 70 -14.49 5.74 -8.31
N LYS A 71 -15.27 4.91 -8.97
CA LYS A 71 -14.84 3.54 -9.35
C LYS A 71 -14.24 3.57 -10.70
N LEU A 72 -13.00 3.09 -10.81
CA LEU A 72 -12.34 3.09 -12.08
C LEU A 72 -11.77 1.75 -12.37
N GLU A 73 -11.89 1.31 -13.62
CA GLU A 73 -11.31 0.04 -13.97
C GLU A 73 -9.81 0.14 -14.15
N VAL A 74 -9.09 -0.88 -13.76
CA VAL A 74 -7.68 -1.02 -14.09
C VAL A 74 -7.62 -1.79 -15.42
N ILE A 75 -6.90 -1.27 -16.38
CA ILE A 75 -6.80 -1.99 -17.65
C ILE A 75 -5.61 -2.93 -17.70
N LYS A 76 -4.58 -2.60 -16.93
CA LYS A 76 -3.37 -3.39 -16.96
C LYS A 76 -2.67 -3.36 -15.64
N GLN A 77 -2.26 -4.53 -15.21
CA GLN A 77 -1.45 -4.71 -14.03
C GLN A 77 0.03 -4.83 -14.42
N PHE A 78 0.85 -3.95 -13.89
CA PHE A 78 2.30 -4.06 -14.11
C PHE A 78 2.94 -4.57 -12.82
N ARG A 79 3.01 -5.90 -12.69
CA ARG A 79 3.63 -6.51 -11.55
C ARG A 79 5.15 -6.42 -11.73
N HIS A 80 5.89 -6.12 -10.67
CA HIS A 80 7.35 -6.06 -10.82
C HIS A 80 7.85 -7.40 -11.38
N PRO A 81 8.66 -7.36 -12.43
CA PRO A 81 9.05 -8.60 -13.12
C PRO A 81 9.84 -9.59 -12.31
N LYS A 82 10.53 -9.16 -11.26
CA LYS A 82 11.32 -10.06 -10.41
C LYS A 82 10.57 -10.46 -9.15
N TYR A 83 9.27 -10.24 -9.17
CA TYR A 83 8.53 -10.56 -7.99
C TYR A 83 8.63 -12.09 -7.72
N ASN A 84 8.88 -12.42 -6.47
CA ASN A 84 9.08 -13.80 -6.06
C ASN A 84 8.10 -14.23 -4.99
N THR A 85 7.26 -15.20 -5.30
CA THR A 85 6.23 -15.72 -4.38
C THR A 85 6.77 -16.46 -3.16
N SER A 86 8.05 -16.76 -3.13
CA SER A 86 8.62 -17.40 -1.94
C SER A 86 9.27 -16.36 -1.03
N THR A 87 10.24 -15.61 -1.54
CA THR A 87 10.96 -14.62 -0.71
C THR A 87 10.13 -13.37 -0.48
N LEU A 88 9.22 -13.12 -1.40
CA LEU A 88 8.37 -11.92 -1.39
C LEU A 88 9.13 -10.65 -1.71
N HIS A 89 10.34 -10.82 -2.25
CA HIS A 89 11.06 -9.67 -2.74
C HIS A 89 10.38 -9.02 -3.92
N HIS A 90 10.55 -7.71 -4.01
CA HIS A 90 10.07 -6.89 -5.12
C HIS A 90 8.53 -6.99 -5.20
N ASP A 91 7.89 -6.74 -4.06
CA ASP A 91 6.42 -6.87 -3.87
C ASP A 91 5.80 -5.49 -4.12
N ILE A 92 5.73 -5.17 -5.40
CA ILE A 92 5.27 -3.88 -5.86
C ILE A 92 4.65 -4.02 -7.23
N MET A 93 3.63 -3.19 -7.50
CA MET A 93 2.87 -3.29 -8.72
C MET A 93 2.16 -1.99 -9.01
N LEU A 94 2.18 -1.62 -10.26
CA LEU A 94 1.49 -0.43 -10.74
C LEU A 94 0.26 -0.87 -11.48
N LEU A 95 -0.82 -0.09 -11.31
CA LEU A 95 -2.10 -0.32 -11.95
C LEU A 95 -2.48 0.86 -12.85
N LYS A 96 -2.54 0.63 -14.16
CA LYS A 96 -2.94 1.69 -15.10
C LYS A 96 -4.47 1.67 -15.18
N LEU A 97 -5.08 2.84 -14.94
CA LEU A 97 -6.53 2.97 -14.98
C LEU A 97 -7.01 3.30 -16.40
N LYS A 98 -8.24 2.89 -16.70
CA LYS A 98 -8.92 3.07 -18.02
C LYS A 98 -9.03 4.59 -18.32
N GLU A 99 -9.34 5.41 -17.33
CA GLU A 99 -9.40 6.87 -17.49
C GLU A 99 -8.75 7.53 -16.27
N LYS A 100 -8.41 8.80 -16.43
CA LYS A 100 -7.90 9.58 -15.31
C LYS A 100 -8.98 9.86 -14.32
N ALA A 101 -8.67 9.74 -13.03
CA ALA A 101 -9.58 10.12 -11.97
C ALA A 101 -9.87 11.59 -12.11
N SER A 102 -11.03 12.03 -11.64
CA SER A 102 -11.38 13.46 -11.64
C SER A 102 -10.95 14.01 -10.29
N LEU A 103 -10.18 15.08 -10.32
CA LEU A 103 -9.66 15.65 -9.11
C LEU A 103 -10.76 16.34 -8.39
N THR A 104 -10.98 15.96 -7.15
CA THR A 104 -12.00 16.54 -6.28
C THR A 104 -11.44 16.68 -4.92
N LEU A 105 -12.19 17.33 -4.04
CA LEU A 105 -11.72 17.40 -2.69
C LEU A 105 -11.42 16.00 -2.12
N ALA A 106 -12.26 15.03 -2.45
CA ALA A 106 -12.12 13.68 -1.91
C ALA A 106 -11.18 12.79 -2.69
N VAL A 107 -10.79 13.21 -3.88
CA VAL A 107 -9.90 12.37 -4.69
C VAL A 107 -8.73 13.20 -5.25
N GLY A 108 -7.51 12.83 -4.86
CA GLY A 108 -6.32 13.54 -5.30
C GLY A 108 -5.16 12.60 -5.43
N THR A 109 -4.09 13.05 -6.05
CA THR A 109 -2.90 12.23 -6.16
C THR A 109 -1.86 12.51 -5.08
N LEU A 110 -0.93 11.58 -4.95
CA LEU A 110 0.22 11.75 -4.08
C LEU A 110 1.46 11.48 -4.94
N PRO A 111 1.92 12.48 -5.69
CA PRO A 111 3.08 12.28 -6.57
C PRO A 111 4.33 12.25 -5.73
N PHE A 112 5.35 11.55 -6.20
CA PHE A 112 6.56 11.46 -5.43
C PHE A 112 7.33 12.78 -5.64
N PRO A 113 8.01 13.23 -4.61
CA PRO A 113 8.88 14.40 -4.72
C PRO A 113 10.04 14.02 -5.62
N SER A 114 10.64 14.98 -6.30
CA SER A 114 11.65 14.70 -7.31
C SER A 114 12.83 13.96 -6.73
N GLN A 115 13.25 14.43 -5.56
CA GLN A 115 14.46 13.94 -4.93
C GLN A 115 14.07 13.21 -3.70
N PHE A 116 14.81 12.14 -3.44
CA PHE A 116 14.51 11.25 -2.33
C PHE A 116 15.81 10.72 -1.83
N ASN A 117 15.74 9.95 -0.77
CA ASN A 117 16.91 9.43 -0.14
C ASN A 117 16.54 8.08 0.43
N PHE A 118 17.57 7.31 0.76
CA PHE A 118 17.38 6.06 1.42
C PHE A 118 16.96 6.44 2.81
N VAL A 119 15.85 5.89 3.28
CA VAL A 119 15.34 6.20 4.60
C VAL A 119 15.85 5.21 5.67
N PRO A 120 16.65 5.68 6.62
CA PRO A 120 17.18 4.80 7.67
C PRO A 120 16.27 4.50 8.86
N PRO A 121 16.63 3.48 9.66
CA PRO A 121 15.91 3.14 10.89
C PRO A 121 15.85 4.32 11.85
N GLY A 122 14.81 4.36 12.67
CA GLY A 122 14.64 5.37 13.70
C GLY A 122 13.38 6.21 13.65
N ARG A 123 13.01 6.68 12.46
CA ARG A 123 11.86 7.59 12.41
C ARG A 123 10.52 6.93 12.54
N MET A 124 9.57 7.76 12.92
CA MET A 124 8.20 7.36 13.04
C MET A 124 7.54 7.63 11.72
N CYS A 125 6.71 6.69 11.32
CA CYS A 125 5.92 6.85 10.12
C CYS A 125 4.44 6.58 10.48
N ARG A 126 3.54 6.74 9.51
CA ARG A 126 2.09 6.51 9.71
C ARG A 126 1.55 5.67 8.57
N VAL A 127 0.57 4.82 8.80
CA VAL A 127 -0.07 4.07 7.70
C VAL A 127 -1.56 4.14 7.94
N ALA A 128 -2.28 4.46 6.87
CA ALA A 128 -3.71 4.48 6.91
C ALA A 128 -4.26 3.41 6.01
N GLY A 129 -5.37 2.81 6.43
CA GLY A 129 -6.03 1.83 5.60
C GLY A 129 -7.28 1.25 6.22
N TRP A 130 -7.77 0.20 5.53
CA TRP A 130 -8.98 -0.50 5.90
C TRP A 130 -8.70 -1.95 6.44
N GLY A 131 -7.43 -2.31 6.60
CA GLY A 131 -7.03 -3.56 7.24
C GLY A 131 -6.97 -4.79 6.33
N ARG A 132 -7.05 -4.55 5.04
CA ARG A 132 -7.12 -5.64 4.07
C ARG A 132 -5.73 -6.18 3.81
N THR A 133 -5.28 -7.07 4.68
CA THR A 133 -3.94 -7.65 4.54
C THR A 133 -3.90 -8.96 5.32
N GLY A 134 -3.01 -9.86 4.93
CA GLY A 134 -2.87 -11.09 5.66
C GLY A 134 -4.10 -11.96 5.67
N VAL A 135 -4.19 -12.82 6.69
CA VAL A 135 -5.27 -13.78 6.80
C VAL A 135 -6.29 -13.41 7.91
N LEU A 136 -5.98 -12.36 8.66
CA LEU A 136 -6.83 -11.98 9.78
C LEU A 136 -7.95 -11.09 9.29
N LYS A 137 -9.14 -11.35 9.82
CA LYS A 137 -10.33 -10.59 9.49
C LYS A 137 -10.21 -9.15 9.97
N PRO A 138 -10.40 -8.17 9.08
CA PRO A 138 -10.42 -6.77 9.52
C PRO A 138 -11.66 -6.74 10.43
N GLY A 139 -11.77 -5.94 11.48
CA GLY A 139 -10.83 -4.91 11.85
C GLY A 139 -11.82 -3.77 11.97
N SER A 140 -12.04 -3.11 10.84
CA SER A 140 -13.00 -2.01 10.75
C SER A 140 -13.24 -1.77 9.28
N ASP A 141 -14.34 -1.10 8.93
CA ASP A 141 -14.58 -0.72 7.54
C ASP A 141 -14.40 0.78 7.23
N THR A 142 -13.89 1.55 8.20
CA THR A 142 -13.57 2.94 7.92
C THR A 142 -12.04 3.14 7.96
N LEU A 143 -11.58 4.13 7.21
CA LEU A 143 -10.14 4.41 7.13
C LEU A 143 -9.60 4.84 8.49
N GLN A 144 -8.57 4.12 8.95
CA GLN A 144 -7.92 4.40 10.23
C GLN A 144 -6.44 4.48 10.03
N GLU A 145 -5.76 5.07 10.98
CA GLU A 145 -4.32 5.26 10.85
C GLU A 145 -3.58 4.89 12.13
N VAL A 146 -2.38 4.34 11.96
CA VAL A 146 -1.52 4.07 13.08
C VAL A 146 -0.13 4.62 12.80
N LYS A 147 0.56 4.94 13.89
CA LYS A 147 1.92 5.39 13.83
C LYS A 147 2.82 4.21 14.07
N LEU A 148 3.84 4.05 13.24
CA LEU A 148 4.75 2.91 13.39
C LEU A 148 6.17 3.34 13.21
N ARG A 149 7.06 2.72 13.98
CA ARG A 149 8.48 3.06 13.94
C ARG A 149 9.25 2.24 12.94
N LEU A 150 10.15 2.88 12.19
CA LEU A 150 11.09 2.15 11.36
C LEU A 150 12.15 1.57 12.26
N MET A 151 12.31 0.25 12.21
CA MET A 151 13.24 -0.49 13.06
C MET A 151 14.56 -0.87 12.37
N ASP A 152 15.59 -1.17 13.19
CA ASP A 152 16.82 -1.71 12.67
C ASP A 152 16.48 -3.01 11.97
N PRO A 153 17.11 -3.27 10.84
CA PRO A 153 16.82 -4.48 10.06
C PRO A 153 17.01 -5.78 10.84
N GLN A 154 17.80 -5.76 11.91
CA GLN A 154 17.98 -6.93 12.73
C GLN A 154 16.68 -7.30 13.40
N ALA A 155 15.78 -6.34 13.61
CA ALA A 155 14.51 -6.68 14.24
C ALA A 155 13.67 -7.58 13.33
N CYS A 156 14.00 -7.66 12.03
CA CYS A 156 13.26 -8.53 11.13
C CYS A 156 14.10 -9.73 10.74
N SER A 157 15.12 -10.07 11.52
CA SER A 157 16.01 -11.18 11.14
C SER A 157 15.29 -12.52 11.08
N HIS A 158 14.16 -12.63 11.76
CA HIS A 158 13.37 -13.89 11.76
C HIS A 158 12.65 -14.15 10.42
N PHE A 159 12.57 -13.12 9.59
CA PHE A 159 12.00 -13.30 8.25
C PHE A 159 13.14 -13.69 7.31
N ARG A 160 13.09 -14.94 6.88
CA ARG A 160 14.16 -15.63 6.15
C ARG A 160 14.97 -14.84 5.17
N ASP A 161 14.30 -14.20 4.24
CA ASP A 161 14.99 -13.52 3.17
C ASP A 161 15.07 -12.00 3.34
N PHE A 162 14.62 -11.48 4.47
CA PHE A 162 14.61 -10.03 4.63
C PHE A 162 15.94 -9.40 4.17
N ASP A 163 15.83 -8.29 3.42
CA ASP A 163 16.97 -7.56 2.88
C ASP A 163 16.75 -6.09 3.08
N HIS A 164 17.56 -5.50 3.97
CA HIS A 164 17.48 -4.11 4.30
C HIS A 164 17.48 -3.20 3.10
N ASN A 165 18.17 -3.56 2.04
CA ASN A 165 18.22 -2.72 0.85
C ASN A 165 16.89 -2.64 0.12
N LEU A 166 16.09 -3.68 0.29
CA LEU A 166 14.85 -3.84 -0.46
C LEU A 166 13.60 -3.58 0.33
N GLN A 167 13.71 -3.72 1.64
CA GLN A 167 12.59 -3.74 2.56
C GLN A 167 12.80 -2.93 3.82
N LEU A 168 11.69 -2.41 4.33
CA LEU A 168 11.65 -1.70 5.59
C LEU A 168 11.18 -2.65 6.67
N CYS A 169 11.73 -2.51 7.89
CA CYS A 169 11.31 -3.31 9.06
C CYS A 169 10.51 -2.34 9.87
N VAL A 170 9.24 -2.67 10.11
CA VAL A 170 8.30 -1.69 10.60
C VAL A 170 7.47 -2.11 11.79
N GLY A 171 7.53 -1.27 12.83
CA GLY A 171 6.75 -1.48 14.04
C GLY A 171 7.54 -2.08 15.20
N ASN A 172 7.51 -1.38 16.34
CA ASN A 172 8.19 -1.84 17.55
C ASN A 172 7.33 -2.86 18.31
N PRO A 173 7.82 -4.08 18.47
CA PRO A 173 7.06 -5.12 19.15
C PRO A 173 6.71 -4.72 20.60
N ARG A 174 7.61 -4.00 21.24
CA ARG A 174 7.45 -3.64 22.65
C ARG A 174 6.74 -2.32 22.89
N LYS A 175 6.06 -1.81 21.87
CA LYS A 175 5.43 -0.49 21.97
C LYS A 175 4.12 -0.45 21.21
N THR A 176 3.90 -1.41 20.33
CA THR A 176 2.69 -1.51 19.54
C THR A 176 1.83 -2.62 20.16
N ALA A 179 -1.83 -4.67 16.16
CA ALA A 179 -1.84 -5.52 14.96
C ALA A 179 -1.96 -4.71 13.64
N PHE A 180 -2.70 -3.61 13.69
CA PHE A 180 -3.01 -2.81 12.50
C PHE A 180 -1.82 -2.24 11.84
N LYS A 181 -1.74 -2.44 10.52
CA LYS A 181 -0.70 -1.83 9.73
C LYS A 181 -1.27 -1.47 8.38
N GLY A 182 -2.56 -1.22 8.32
CA GLY A 182 -3.17 -0.85 7.06
C GLY A 182 -3.44 -2.05 6.18
N ASP A 183 -3.67 -1.83 4.88
CA ASP A 183 -3.97 -2.89 3.93
C ASP A 183 -2.73 -3.30 3.15
N SER A 184 -2.69 -4.55 2.66
CA SER A 184 -1.72 -4.93 1.64
C SER A 184 -1.74 -3.88 0.57
N GLY A 185 -0.57 -3.41 0.13
CA GLY A 185 -0.50 -2.42 -0.94
C GLY A 185 -0.63 -0.99 -0.52
N GLY A 186 -1.06 -0.74 0.71
CA GLY A 186 -1.17 0.61 1.25
C GLY A 186 0.18 1.28 1.47
N PRO A 187 0.24 2.61 1.42
CA PRO A 187 1.50 3.33 1.61
C PRO A 187 1.84 3.58 3.05
N LEU A 188 3.14 3.53 3.35
CA LEU A 188 3.67 3.93 4.65
C LEU A 188 4.16 5.35 4.42
N LEU A 189 3.68 6.36 5.15
CA LEU A 189 4.10 7.74 4.97
C LEU A 189 5.03 8.18 6.07
N CYS A 190 6.13 8.80 5.69
CA CYS A 190 7.08 9.36 6.63
C CYS A 190 7.18 10.83 6.26
N ALA A 191 6.68 11.67 7.15
CA ALA A 191 6.77 13.11 6.97
C ALA A 191 5.97 13.65 5.76
N GLY A 192 5.02 12.85 5.27
CA GLY A 192 4.16 13.25 4.17
C GLY A 192 4.52 12.63 2.84
N VAL A 193 5.57 11.83 2.86
CA VAL A 193 6.10 11.19 1.65
C VAL A 193 5.91 9.69 1.76
N ALA A 194 5.44 9.06 0.69
CA ALA A 194 5.25 7.62 0.72
C ALA A 194 6.57 6.96 0.63
N GLN A 195 7.00 6.28 1.69
CA GLN A 195 8.29 5.58 1.65
C GLN A 195 8.18 4.06 1.64
N GLY A 196 7.02 3.49 1.93
CA GLY A 196 6.93 2.05 1.86
C GLY A 196 5.55 1.57 1.46
N ILE A 197 5.43 0.27 1.21
CA ILE A 197 4.18 -0.35 0.81
C ILE A 197 4.06 -1.51 1.71
N VAL A 198 2.83 -1.72 2.20
CA VAL A 198 2.53 -2.86 3.10
C VAL A 198 2.69 -4.19 2.35
N SER A 199 3.61 -5.03 2.81
CA SER A 199 3.91 -6.27 2.11
C SER A 199 3.50 -7.50 2.84
N TYR A 200 4.11 -7.78 3.99
CA TYR A 200 3.73 -8.95 4.75
C TYR A 200 4.20 -8.91 6.18
N GLY A 201 3.66 -9.83 6.98
CA GLY A 201 4.12 -10.01 8.32
C GLY A 201 3.86 -11.42 8.80
N ARG A 202 4.05 -11.66 10.09
CA ARG A 202 3.70 -12.98 10.66
C ARG A 202 2.20 -13.28 10.52
N SER A 203 1.82 -14.56 10.43
CA SER A 203 0.41 -14.93 10.38
C SER A 203 -0.37 -14.27 11.55
N ASP A 204 0.24 -14.25 12.73
CA ASP A 204 -0.41 -13.68 13.91
C ASP A 204 -0.33 -12.16 14.02
N ALA A 205 0.34 -11.54 13.06
CA ALA A 205 0.39 -10.08 12.93
C ALA A 205 1.10 -9.35 14.07
N LYS A 206 1.93 -10.06 14.79
CA LYS A 206 2.78 -9.44 15.80
C LYS A 206 3.95 -8.72 15.11
N PRO A 207 4.15 -7.44 15.42
CA PRO A 207 5.22 -6.66 14.80
C PRO A 207 6.61 -7.17 15.13
N PRO A 208 7.61 -6.82 14.32
CA PRO A 208 7.47 -5.95 13.15
C PRO A 208 6.92 -6.63 11.91
N ALA A 209 6.58 -5.79 10.92
CA ALA A 209 6.12 -6.26 9.62
C ALA A 209 7.10 -5.77 8.57
N VAL A 210 7.01 -6.36 7.40
CA VAL A 210 7.86 -6.02 6.29
C VAL A 210 7.11 -5.14 5.27
N PHE A 211 7.76 -4.06 4.83
CA PHE A 211 7.20 -3.14 3.85
C PHE A 211 8.18 -3.03 2.71
N THR A 212 7.68 -2.93 1.50
CA THR A 212 8.55 -2.66 0.38
C THR A 212 9.21 -1.32 0.53
N ARG A 213 10.54 -1.26 0.39
CA ARG A 213 11.26 0.02 0.42
C ARG A 213 11.11 0.79 -0.92
N ILE A 214 10.29 1.82 -0.94
CA ILE A 214 9.96 2.45 -2.21
C ILE A 214 11.16 3.05 -2.92
N SER A 215 12.07 3.67 -2.16
CA SER A 215 13.26 4.30 -2.79
C SER A 215 13.95 3.40 -3.79
N HIS A 216 14.09 2.13 -3.45
CA HIS A 216 14.76 1.17 -4.30
C HIS A 216 14.10 1.04 -5.69
N TYR A 217 12.78 1.23 -5.74
CA TYR A 217 11.97 1.00 -6.96
C TYR A 217 11.59 2.28 -7.71
N ARG A 218 12.10 3.42 -7.28
CA ARG A 218 11.70 4.65 -7.92
C ARG A 218 12.13 4.62 -9.40
N PRO A 219 13.31 4.11 -9.76
CA PRO A 219 13.65 3.99 -11.20
C PRO A 219 12.66 3.12 -12.01
N TRP A 220 12.27 2.00 -11.43
CA TRP A 220 11.32 1.11 -12.10
C TRP A 220 9.93 1.76 -12.19
N ILE A 221 9.48 2.43 -11.13
CA ILE A 221 8.21 3.13 -11.18
C ILE A 221 8.22 4.13 -12.34
N ASN A 222 9.31 4.89 -12.45
CA ASN A 222 9.35 5.89 -13.51
C ASN A 222 9.44 5.23 -14.90
N GLN A 223 10.09 4.09 -15.00
CA GLN A 223 10.20 3.32 -16.25
C GLN A 223 8.80 2.90 -16.74
N ILE A 224 7.94 2.51 -15.80
CA ILE A 224 6.59 2.15 -16.17
C ILE A 224 5.81 3.40 -16.61
N LEU A 225 5.92 4.47 -15.83
CA LEU A 225 5.15 5.67 -16.12
C LEU A 225 5.55 6.31 -17.43
N GLN A 226 6.84 6.23 -17.73
CA GLN A 226 7.37 6.80 -18.94
C GLN A 226 6.83 6.15 -20.18
N ALA A 227 6.56 4.85 -20.11
CA ALA A 227 6.14 4.09 -21.27
C ALA A 227 4.62 3.95 -21.35
N ASN A 228 3.91 4.59 -20.46
CA ASN A 228 2.49 4.38 -20.38
C ASN A 228 1.92 5.73 -20.05
#